data_4UGL
#
_entry.id   4UGL
#
_cell.length_a   80.741
_cell.length_b   94.780
_cell.length_c   63.065
_cell.angle_alpha   90.00
_cell.angle_beta   90.00
_cell.angle_gamma   90.00
#
_symmetry.space_group_name_H-M   'P 21 21 2'
#
loop_
_entity.id
_entity.type
_entity.pdbx_description
1 polymer 'NITRIC OXIDE SYNTHASE'
2 non-polymer 'PROTOPORPHYRIN IX CONTAINING FE'
3 non-polymer 5,6,7,8-TETRAHYDROBIOPTERIN
4 non-polymer 'CHLORIDE ION'
5 non-polymer N1-(3-(2-(6-Amino-4-methylpyridin-2-yl)ethyl)-5-fluorophenyl)-N1-cyclopropyl-N2-methylethane-1,2-diamine
6 non-polymer GLYCEROL
7 water water
#
_entity_poly.entity_id   1
_entity_poly.type   'polypeptide(L)'
_entity_poly.pdbx_seq_one_letter_code
;MEEKEILWNEAKAFIAACYQELGKAAEVKDRLADIKSEIDLTGSYVHTKEELEHGAKMAWRNSNRCIGRLFWNSLNVIDR
RDVRTKEEVRDALFHHIETATNNGKIRPTITIFPPEEKGEKQVEIWNHQLIRYAGYESDGERIGDPASCSLTAACEELGW
RGERTDFDLLPLIFRMKGDEQPVWYELPRSLVIEVPITHPDIEAFSDLELKWYGVPIISDMKLEVGGIHYNAAPFNGWYM
GTEIGARNLADEKRYDKLKKVASVIGIAADYNTDLWKDQALVELNKAVLHSYKKQGVSIVDHHTAASQFKRFEEQAEEAG
RKLTGDWTWLIPPISPAATHIFHRSYDNSIVKPNYFYQDKPYE
;
_entity_poly.pdbx_strand_id   A
#
# COMPACT_ATOMS: atom_id res chain seq x y z
N GLU A 2 24.32 -4.64 -21.76
CA GLU A 2 24.34 -4.45 -20.31
C GLU A 2 23.00 -4.84 -19.67
N GLU A 3 21.90 -4.45 -20.32
CA GLU A 3 20.56 -4.65 -19.79
C GLU A 3 20.18 -6.13 -19.69
N LYS A 4 20.55 -6.90 -20.71
CA LYS A 4 20.32 -8.34 -20.70
C LYS A 4 21.16 -9.02 -19.62
N GLU A 5 22.36 -8.50 -19.42
CA GLU A 5 23.25 -9.04 -18.39
C GLU A 5 22.68 -8.79 -17.00
N ILE A 6 22.16 -7.58 -16.78
CA ILE A 6 21.49 -7.27 -15.52
C ILE A 6 20.36 -8.25 -15.29
N LEU A 7 19.56 -8.49 -16.33
CA LEU A 7 18.41 -9.38 -16.24
C LEU A 7 18.83 -10.78 -15.84
N TRP A 8 19.83 -11.31 -16.55
CA TRP A 8 20.32 -12.67 -16.31
C TRP A 8 20.89 -12.81 -14.90
N ASN A 9 21.65 -11.82 -14.45
CA ASN A 9 22.21 -11.85 -13.11
C ASN A 9 21.14 -11.84 -12.03
N GLU A 10 20.13 -10.99 -12.21
CA GLU A 10 19.02 -10.92 -11.26
C GLU A 10 18.22 -12.21 -11.31
N ALA A 11 18.12 -12.80 -12.50
CA ALA A 11 17.37 -14.04 -12.69
C ALA A 11 18.03 -15.21 -11.97
N LYS A 12 19.35 -15.33 -12.13
CA LYS A 12 20.12 -16.37 -11.45
C LYS A 12 19.94 -16.30 -9.92
N ALA A 13 20.04 -15.10 -9.37
CA ALA A 13 19.95 -14.94 -7.93
C ALA A 13 18.56 -15.26 -7.40
N PHE A 14 17.54 -14.82 -8.13
CA PHE A 14 16.16 -15.03 -7.69
C PHE A 14 15.74 -16.50 -7.76
N ILE A 15 16.02 -17.15 -8.89
CA ILE A 15 15.59 -18.54 -9.10
C ILE A 15 16.24 -19.50 -8.10
N ALA A 16 17.54 -19.33 -7.87
CA ALA A 16 18.25 -20.12 -6.86
C ALA A 16 17.63 -19.96 -5.47
N ALA A 17 17.39 -18.72 -5.06
CA ALA A 17 16.81 -18.45 -3.75
C ALA A 17 15.37 -18.94 -3.65
N CYS A 18 14.57 -18.63 -4.65
CA CYS A 18 13.16 -19.03 -4.67
C CYS A 18 13.01 -20.56 -4.64
N TYR A 19 13.74 -21.25 -5.51
CA TYR A 19 13.62 -22.71 -5.60
C TYR A 19 14.17 -23.38 -4.34
N GLN A 20 15.15 -22.74 -3.71
CA GLN A 20 15.69 -23.24 -2.45
C GLN A 20 14.60 -23.21 -1.38
N GLU A 21 13.90 -22.08 -1.30
CA GLU A 21 12.83 -21.90 -0.33
C GLU A 21 11.67 -22.85 -0.59
N LEU A 22 11.44 -23.17 -1.86
CA LEU A 22 10.34 -24.04 -2.26
C LEU A 22 10.76 -25.52 -2.30
N GLY A 23 11.96 -25.81 -1.81
CA GLY A 23 12.50 -27.16 -1.85
C GLY A 23 12.66 -27.74 -3.25
N LYS A 24 12.86 -26.86 -4.23
CA LYS A 24 12.99 -27.27 -5.64
C LYS A 24 14.42 -27.09 -6.15
N ALA A 25 15.39 -27.15 -5.25
CA ALA A 25 16.79 -26.86 -5.59
C ALA A 25 17.36 -27.67 -6.77
N ALA A 26 16.88 -28.91 -6.95
CA ALA A 26 17.38 -29.76 -8.03
C ALA A 26 16.96 -29.27 -9.41
N GLU A 27 15.91 -28.45 -9.46
CA GLU A 27 15.33 -27.99 -10.71
C GLU A 27 15.95 -26.68 -11.17
N VAL A 28 16.80 -26.10 -10.33
CA VAL A 28 17.40 -24.81 -10.61
C VAL A 28 18.18 -24.80 -11.93
N LYS A 29 18.96 -25.84 -12.18
CA LYS A 29 19.84 -25.83 -13.36
C LYS A 29 19.11 -25.83 -14.70
N ASP A 30 18.15 -26.73 -14.86
CA ASP A 30 17.37 -26.80 -16.09
C ASP A 30 16.54 -25.54 -16.31
N ARG A 31 15.98 -25.01 -15.22
CA ARG A 31 15.18 -23.78 -15.30
C ARG A 31 16.05 -22.61 -15.73
N LEU A 32 17.26 -22.54 -15.17
CA LEU A 32 18.21 -21.49 -15.50
C LEU A 32 18.61 -21.54 -16.98
N ALA A 33 18.80 -22.75 -17.50
CA ALA A 33 19.14 -22.93 -18.91
C ALA A 33 17.99 -22.46 -19.78
N ASP A 34 16.78 -22.92 -19.46
CA ASP A 34 15.57 -22.51 -20.17
C ASP A 34 15.47 -20.99 -20.23
N ILE A 35 15.69 -20.35 -19.09
CA ILE A 35 15.64 -18.90 -18.98
C ILE A 35 16.71 -18.24 -19.85
N LYS A 36 17.93 -18.76 -19.82
CA LYS A 36 19.02 -18.14 -20.58
C LYS A 36 18.76 -18.14 -22.08
N SER A 37 18.22 -19.25 -22.59
CA SER A 37 17.85 -19.34 -24.00
C SER A 37 16.77 -18.31 -24.31
N GLU A 38 15.76 -18.27 -23.45
CA GLU A 38 14.62 -17.36 -23.62
C GLU A 38 15.05 -15.89 -23.62
N ILE A 39 15.98 -15.54 -22.75
CA ILE A 39 16.51 -14.17 -22.73
C ILE A 39 17.25 -13.88 -24.04
N ASP A 40 18.10 -14.81 -24.45
CA ASP A 40 18.81 -14.71 -25.72
C ASP A 40 17.87 -14.50 -26.91
N LEU A 41 16.79 -15.29 -26.95
CA LEU A 41 15.90 -15.30 -28.11
C LEU A 41 14.84 -14.20 -28.09
N THR A 42 14.49 -13.71 -26.90
CA THR A 42 13.37 -12.78 -26.75
C THR A 42 13.74 -11.46 -26.07
N GLY A 43 14.87 -11.44 -25.36
CA GLY A 43 15.26 -10.26 -24.62
C GLY A 43 14.65 -10.22 -23.23
N SER A 44 13.91 -11.28 -22.88
CA SER A 44 13.28 -11.36 -21.57
C SER A 44 12.91 -12.79 -21.18
N TYR A 45 12.25 -12.96 -20.04
CA TYR A 45 11.73 -14.28 -19.66
C TYR A 45 10.42 -14.17 -18.88
N VAL A 46 9.67 -15.27 -18.84
CA VAL A 46 8.34 -15.29 -18.27
C VAL A 46 8.32 -16.17 -17.02
N HIS A 47 7.91 -15.60 -15.89
CA HIS A 47 7.86 -16.37 -14.65
C HIS A 47 6.77 -17.45 -14.71
N THR A 48 7.02 -18.58 -14.05
CA THR A 48 5.99 -19.58 -13.81
C THR A 48 5.05 -18.98 -12.77
N LYS A 49 3.86 -19.54 -12.61
CA LYS A 49 2.93 -18.99 -11.62
C LYS A 49 3.48 -19.10 -10.20
N GLU A 50 4.20 -20.19 -9.94
CA GLU A 50 4.82 -20.42 -8.64
C GLU A 50 5.90 -19.39 -8.33
N GLU A 51 6.71 -19.06 -9.34
CA GLU A 51 7.76 -18.05 -9.19
C GLU A 51 7.16 -16.67 -8.91
N LEU A 52 6.10 -16.34 -9.64
CA LEU A 52 5.46 -15.04 -9.51
C LEU A 52 4.87 -14.90 -8.11
N GLU A 53 4.11 -15.90 -7.68
CA GLU A 53 3.51 -15.91 -6.35
C GLU A 53 4.56 -15.80 -5.24
N HIS A 54 5.56 -16.68 -5.26
CA HIS A 54 6.57 -16.62 -4.21
C HIS A 54 7.40 -15.32 -4.27
N GLY A 55 7.65 -14.85 -5.50
CA GLY A 55 8.37 -13.58 -5.69
C GLY A 55 7.68 -12.40 -5.06
N ALA A 56 6.37 -12.29 -5.24
CA ALA A 56 5.60 -11.21 -4.60
C ALA A 56 5.62 -11.33 -3.09
N LYS A 57 5.61 -12.56 -2.59
CA LYS A 57 5.71 -12.79 -1.16
C LYS A 57 7.09 -12.41 -0.63
N MET A 58 8.15 -12.79 -1.36
CA MET A 58 9.51 -12.40 -0.95
C MET A 58 9.66 -10.88 -0.93
N ALA A 59 9.04 -10.22 -1.91
CA ALA A 59 9.12 -8.78 -2.00
C ALA A 59 8.51 -8.10 -0.77
N TRP A 60 7.40 -8.65 -0.29
CA TRP A 60 6.76 -8.09 0.91
C TRP A 60 7.69 -8.33 2.10
N ARG A 61 8.20 -9.55 2.22
CA ARG A 61 9.11 -9.94 3.30
C ARG A 61 10.33 -9.02 3.36
N ASN A 62 10.71 -8.46 2.21
CA ASN A 62 11.92 -7.64 2.12
C ASN A 62 11.65 -6.13 2.23
N SER A 63 10.40 -5.77 2.49
CA SER A 63 10.02 -4.35 2.52
C SER A 63 10.39 -3.73 3.86
N ASN A 64 11.53 -3.07 3.88
CA ASN A 64 12.11 -2.54 5.12
C ASN A 64 11.18 -1.65 5.95
N ARG A 65 10.29 -0.93 5.30
CA ARG A 65 9.48 0.05 6.01
C ARG A 65 8.19 -0.51 6.57
N CYS A 66 7.94 -1.80 6.35
CA CYS A 66 6.65 -2.39 6.69
C CYS A 66 6.67 -3.18 8.00
N ILE A 67 5.85 -2.74 8.95
CA ILE A 67 5.73 -3.42 10.25
C ILE A 67 4.87 -4.69 10.17
N GLY A 68 4.13 -4.85 9.07
CA GLY A 68 3.17 -5.94 9.00
C GLY A 68 3.69 -7.23 8.41
N ARG A 69 5.01 -7.35 8.30
CA ARG A 69 5.58 -8.46 7.51
C ARG A 69 5.44 -9.88 8.06
N LEU A 70 4.96 -10.04 9.30
CA LEU A 70 4.82 -11.40 9.87
C LEU A 70 4.01 -12.26 8.91
N PHE A 71 3.08 -11.62 8.21
CA PHE A 71 2.11 -12.39 7.42
C PHE A 71 2.46 -12.54 5.95
N TRP A 72 3.73 -12.30 5.62
CA TRP A 72 4.19 -12.29 4.22
C TRP A 72 3.79 -13.55 3.44
N ASN A 73 3.81 -14.71 4.08
CA ASN A 73 3.61 -15.97 3.35
C ASN A 73 2.14 -16.26 3.06
N SER A 74 1.22 -15.45 3.59
CA SER A 74 -0.19 -15.70 3.30
C SER A 74 -0.79 -14.71 2.30
N LEU A 75 0.08 -13.90 1.68
CA LEU A 75 -0.36 -12.99 0.61
C LEU A 75 -1.14 -13.72 -0.49
N ASN A 76 -2.29 -13.15 -0.86
CA ASN A 76 -3.11 -13.72 -1.93
C ASN A 76 -2.70 -13.10 -3.26
N VAL A 77 -2.03 -13.88 -4.12
CA VAL A 77 -1.48 -13.33 -5.37
C VAL A 77 -2.39 -13.61 -6.58
N ILE A 78 -2.89 -12.55 -7.21
CA ILE A 78 -3.75 -12.72 -8.39
C ILE A 78 -2.97 -12.42 -9.67
N ASP A 79 -2.83 -13.44 -10.51
CA ASP A 79 -2.04 -13.33 -11.74
C ASP A 79 -2.87 -12.76 -12.89
N ARG A 80 -2.72 -11.47 -13.17
CA ARG A 80 -3.45 -10.88 -14.32
C ARG A 80 -2.53 -10.45 -15.47
N ARG A 81 -1.51 -11.25 -15.75
CA ARG A 81 -0.57 -10.96 -16.85
C ARG A 81 -1.23 -11.19 -18.21
N ASP A 82 -2.46 -11.70 -18.18
CA ASP A 82 -3.22 -11.96 -19.40
C ASP A 82 -4.02 -10.76 -19.91
N VAL A 83 -4.12 -9.68 -19.14
CA VAL A 83 -4.96 -8.55 -19.58
C VAL A 83 -4.37 -7.82 -20.78
N ARG A 84 -5.25 -7.40 -21.70
CA ARG A 84 -4.84 -6.69 -22.89
C ARG A 84 -5.66 -5.42 -23.13
N THR A 85 -6.81 -5.29 -22.48
CA THR A 85 -7.70 -4.15 -22.73
C THR A 85 -7.98 -3.32 -21.49
N LYS A 86 -8.46 -2.09 -21.69
CA LYS A 86 -8.71 -1.21 -20.54
C LYS A 86 -9.92 -1.68 -19.73
N GLU A 87 -10.88 -2.32 -20.41
CA GLU A 87 -12.00 -2.90 -19.69
C GLU A 87 -11.53 -4.04 -18.78
N GLU A 88 -10.62 -4.88 -19.28
CA GLU A 88 -10.05 -5.96 -18.46
C GLU A 88 -9.26 -5.43 -17.26
N VAL A 89 -8.52 -4.34 -17.44
CA VAL A 89 -7.79 -3.74 -16.32
C VAL A 89 -8.76 -3.19 -15.28
N ARG A 90 -9.76 -2.47 -15.75
CA ARG A 90 -10.77 -1.90 -14.86
C ARG A 90 -11.47 -2.97 -14.05
N ASP A 91 -11.91 -4.03 -14.72
CA ASP A 91 -12.62 -5.10 -14.03
C ASP A 91 -11.71 -5.83 -13.05
N ALA A 92 -10.43 -5.95 -13.39
CA ALA A 92 -9.46 -6.58 -12.49
C ALA A 92 -9.22 -5.72 -11.25
N LEU A 93 -9.23 -4.40 -11.41
CA LEU A 93 -9.08 -3.50 -10.28
C LEU A 93 -10.33 -3.52 -9.40
N PHE A 94 -11.50 -3.51 -10.03
CA PHE A 94 -12.77 -3.66 -9.32
C PHE A 94 -12.78 -4.96 -8.52
N HIS A 95 -12.34 -6.05 -9.16
CA HIS A 95 -12.29 -7.35 -8.50
C HIS A 95 -11.32 -7.37 -7.29
N HIS A 96 -10.14 -6.79 -7.47
CA HIS A 96 -9.19 -6.67 -6.36
C HIS A 96 -9.86 -6.01 -5.16
N ILE A 97 -10.52 -4.88 -5.39
CA ILE A 97 -11.23 -4.19 -4.30
C ILE A 97 -12.24 -5.12 -3.61
N GLU A 98 -13.05 -5.81 -4.38
CA GLU A 98 -14.09 -6.68 -3.80
C GLU A 98 -13.48 -7.84 -3.00
N THR A 99 -12.49 -8.53 -3.57
CA THR A 99 -11.98 -9.73 -2.91
C THR A 99 -11.06 -9.39 -1.74
N ALA A 100 -10.32 -8.28 -1.86
CA ALA A 100 -9.48 -7.82 -0.76
C ALA A 100 -10.35 -7.37 0.39
N THR A 101 -11.46 -6.68 0.08
CA THR A 101 -12.34 -6.15 1.11
C THR A 101 -13.00 -7.30 1.89
N ASN A 102 -13.50 -8.28 1.14
CA ASN A 102 -14.04 -9.50 1.73
C ASN A 102 -15.07 -9.20 2.83
N ASN A 103 -15.98 -8.27 2.56
CA ASN A 103 -17.03 -7.88 3.51
C ASN A 103 -16.48 -7.36 4.84
N GLY A 104 -15.25 -6.88 4.83
CA GLY A 104 -14.65 -6.28 6.02
C GLY A 104 -13.54 -7.12 6.62
N LYS A 105 -13.57 -8.43 6.38
CA LYS A 105 -12.50 -9.30 6.85
C LYS A 105 -11.36 -9.30 5.81
N ILE A 106 -10.58 -8.23 5.83
CA ILE A 106 -9.65 -7.90 4.75
C ILE A 106 -8.65 -9.02 4.45
N ARG A 107 -8.48 -9.34 3.16
CA ARG A 107 -7.47 -10.31 2.70
C ARG A 107 -6.30 -9.59 2.05
N PRO A 108 -5.09 -9.73 2.61
CA PRO A 108 -3.92 -9.13 1.95
C PRO A 108 -3.78 -9.74 0.56
N THR A 109 -3.79 -8.89 -0.47
CA THR A 109 -3.91 -9.33 -1.85
C THR A 109 -3.01 -8.48 -2.75
N ILE A 110 -2.52 -9.06 -3.84
CA ILE A 110 -1.84 -8.29 -4.87
C ILE A 110 -2.34 -8.77 -6.24
N THR A 111 -2.62 -7.83 -7.14
CA THR A 111 -3.00 -8.21 -8.51
C THR A 111 -1.84 -7.78 -9.40
N ILE A 112 -1.32 -8.71 -10.20
CA ILE A 112 -0.11 -8.42 -10.98
C ILE A 112 -0.41 -8.34 -12.48
N PHE A 113 -0.17 -7.17 -13.07
CA PHE A 113 -0.47 -6.95 -14.50
C PHE A 113 0.78 -7.24 -15.35
N PRO A 114 0.66 -7.23 -16.71
CA PRO A 114 1.88 -7.49 -17.49
C PRO A 114 3.02 -6.53 -17.16
N PRO A 115 4.27 -7.04 -17.18
CA PRO A 115 5.42 -6.20 -16.79
C PRO A 115 5.91 -5.32 -17.94
N GLU A 116 6.81 -4.39 -17.63
CA GLU A 116 7.47 -3.60 -18.67
C GLU A 116 8.22 -4.52 -19.61
N GLU A 117 8.33 -4.12 -20.88
CA GLU A 117 9.06 -4.93 -21.84
C GLU A 117 10.48 -4.43 -22.07
N LYS A 118 10.61 -3.24 -22.64
CA LYS A 118 11.93 -2.63 -22.73
C LYS A 118 11.90 -1.30 -22.00
N GLY A 119 11.45 -1.34 -20.75
CA GLY A 119 11.15 -0.14 -19.99
C GLY A 119 9.79 0.41 -20.42
N GLU A 120 9.21 -0.19 -21.45
CA GLU A 120 7.90 0.21 -21.95
C GLU A 120 6.78 -0.41 -21.12
N LYS A 121 6.04 0.43 -20.41
CA LYS A 121 4.91 -0.04 -19.62
C LYS A 121 3.76 -0.54 -20.51
N GLN A 122 3.08 -1.58 -20.05
CA GLN A 122 1.90 -2.11 -20.75
C GLN A 122 0.67 -1.45 -20.16
N VAL A 123 0.70 -1.22 -18.85
CA VAL A 123 -0.40 -0.63 -18.11
C VAL A 123 0.24 0.33 -17.11
N GLU A 124 -0.25 1.56 -17.08
CA GLU A 124 0.32 2.60 -16.21
C GLU A 124 -0.76 3.17 -15.29
N ILE A 125 -0.72 2.83 -14.00
CA ILE A 125 -1.75 3.25 -13.06
C ILE A 125 -1.40 4.61 -12.44
N TRP A 126 -2.31 5.58 -12.52
CA TRP A 126 -2.03 6.92 -11.98
C TRP A 126 -2.35 7.08 -10.49
N ASN A 127 -3.34 6.32 -10.01
CA ASN A 127 -3.73 6.41 -8.61
C ASN A 127 -2.60 6.07 -7.64
N HIS A 128 -2.53 6.78 -6.51
CA HIS A 128 -1.59 6.40 -5.46
C HIS A 128 -2.14 5.18 -4.70
N GLN A 129 -3.42 5.22 -4.36
CA GLN A 129 -4.13 4.06 -3.85
C GLN A 129 -5.40 3.91 -4.66
N LEU A 130 -5.91 2.67 -4.77
CA LEU A 130 -7.09 2.46 -5.61
C LEU A 130 -8.30 3.22 -5.07
N ILE A 131 -8.38 3.29 -3.74
CA ILE A 131 -9.41 4.07 -3.06
C ILE A 131 -8.73 5.19 -2.29
N ARG A 132 -9.03 6.44 -2.65
CA ARG A 132 -8.48 7.59 -1.94
C ARG A 132 -9.36 8.80 -2.18
N TYR A 133 -9.27 9.81 -1.32
CA TYR A 133 -10.13 10.98 -1.45
C TYR A 133 -9.46 12.09 -2.25
N ALA A 134 -10.27 12.86 -2.99
CA ALA A 134 -9.79 13.99 -3.78
C ALA A 134 -9.40 15.16 -2.89
N GLY A 135 -8.63 16.09 -3.45
CA GLY A 135 -8.24 17.28 -2.71
C GLY A 135 -8.28 18.49 -3.62
N TYR A 136 -8.72 19.63 -3.06
CA TYR A 136 -8.88 20.84 -3.82
C TYR A 136 -8.31 22.03 -3.06
N GLU A 137 -7.73 22.97 -3.79
CA GLU A 137 -7.16 24.17 -3.19
C GLU A 137 -7.39 25.28 -4.20
N SER A 138 -8.12 26.31 -3.80
CA SER A 138 -8.43 27.42 -4.69
C SER A 138 -8.88 28.63 -3.89
N ASP A 139 -8.22 29.76 -4.11
CA ASP A 139 -8.57 31.01 -3.44
C ASP A 139 -8.67 30.86 -1.92
N GLY A 140 -7.59 30.38 -1.30
CA GLY A 140 -7.56 30.18 0.14
C GLY A 140 -8.43 29.05 0.66
N GLU A 141 -9.19 28.41 -0.24
CA GLU A 141 -10.14 27.37 0.17
C GLU A 141 -9.56 25.96 0.00
N ARG A 142 -9.40 25.25 1.11
CA ARG A 142 -8.94 23.87 1.10
C ARG A 142 -10.11 22.90 1.32
N ILE A 143 -10.24 21.92 0.43
CA ILE A 143 -11.29 20.92 0.55
C ILE A 143 -10.67 19.55 0.34
N GLY A 144 -11.04 18.59 1.18
CA GLY A 144 -10.59 17.22 0.99
C GLY A 144 -9.16 16.97 1.43
N ASP A 145 -8.50 16.04 0.74
CA ASP A 145 -7.17 15.58 1.11
C ASP A 145 -6.09 16.28 0.28
N PRO A 146 -5.30 17.18 0.92
CA PRO A 146 -4.30 17.91 0.14
C PRO A 146 -3.29 16.99 -0.55
N ALA A 147 -3.07 15.79 -0.02
CA ALA A 147 -2.11 14.89 -0.65
C ALA A 147 -2.58 14.50 -2.06
N SER A 148 -3.87 14.68 -2.33
CA SER A 148 -4.45 14.29 -3.63
C SER A 148 -4.64 15.43 -4.61
N CYS A 149 -4.17 16.63 -4.25
CA CYS A 149 -4.40 17.81 -5.06
C CYS A 149 -3.92 17.72 -6.50
N SER A 150 -2.70 17.21 -6.69
CA SER A 150 -2.16 17.18 -8.05
C SER A 150 -2.87 16.13 -8.90
N LEU A 151 -3.13 14.96 -8.33
CA LEU A 151 -3.86 13.92 -9.08
C LEU A 151 -5.29 14.34 -9.38
N THR A 152 -5.92 15.01 -8.40
CA THR A 152 -7.27 15.54 -8.59
C THR A 152 -7.30 16.52 -9.74
N ALA A 153 -6.35 17.45 -9.76
CA ALA A 153 -6.27 18.40 -10.87
C ALA A 153 -6.09 17.68 -12.21
N ALA A 154 -5.25 16.65 -12.23
CA ALA A 154 -5.02 15.89 -13.46
C ALA A 154 -6.31 15.21 -13.93
N CYS A 155 -7.06 14.62 -12.98
CA CYS A 155 -8.33 13.98 -13.33
C CYS A 155 -9.31 14.99 -13.91
N GLU A 156 -9.34 16.20 -13.34
CA GLU A 156 -10.29 17.20 -13.81
C GLU A 156 -9.88 17.78 -15.14
N GLU A 157 -8.67 17.48 -15.58
CA GLU A 157 -8.24 17.81 -16.94
C GLU A 157 -8.82 16.82 -17.94
N LEU A 158 -9.21 15.64 -17.45
CA LEU A 158 -9.65 14.56 -18.32
C LEU A 158 -11.17 14.44 -18.40
N GLY A 159 -11.88 15.46 -17.92
CA GLY A 159 -13.33 15.48 -18.01
C GLY A 159 -14.06 15.04 -16.76
N TRP A 160 -13.34 14.56 -15.76
CA TRP A 160 -13.95 14.22 -14.48
C TRP A 160 -14.21 15.51 -13.71
N ARG A 161 -15.24 15.52 -12.87
CA ARG A 161 -15.53 16.64 -11.98
C ARG A 161 -15.90 16.08 -10.61
N GLY A 162 -15.21 16.57 -9.57
CA GLY A 162 -15.50 16.15 -8.21
C GLY A 162 -16.61 17.01 -7.61
N GLU A 163 -17.36 16.44 -6.66
CA GLU A 163 -18.45 17.14 -5.99
C GLU A 163 -17.95 18.18 -5.00
N ARG A 164 -16.67 18.10 -4.65
CA ARG A 164 -16.05 18.99 -3.66
C ARG A 164 -16.61 18.89 -2.24
N THR A 165 -16.92 17.65 -1.82
CA THR A 165 -17.06 17.32 -0.41
C THR A 165 -15.64 17.06 0.08
N ASP A 166 -15.47 16.86 1.39
CA ASP A 166 -14.15 16.55 1.93
C ASP A 166 -13.75 15.11 1.67
N PHE A 167 -14.68 14.31 1.15
CA PHE A 167 -14.45 12.89 0.95
C PHE A 167 -14.94 12.39 -0.40
N ASP A 168 -14.57 13.09 -1.48
CA ASP A 168 -14.89 12.63 -2.84
C ASP A 168 -14.00 11.44 -3.18
N LEU A 169 -14.58 10.35 -3.67
CA LEU A 169 -13.76 9.23 -4.11
C LEU A 169 -13.20 9.54 -5.50
N LEU A 170 -11.89 9.48 -5.64
CA LEU A 170 -11.26 9.67 -6.95
C LEU A 170 -11.64 8.48 -7.83
N PRO A 171 -11.73 8.70 -9.14
CA PRO A 171 -12.03 7.58 -10.02
C PRO A 171 -10.75 6.78 -10.21
N LEU A 172 -10.85 5.55 -10.68
CA LEU A 172 -9.66 4.82 -11.09
C LEU A 172 -9.14 5.54 -12.32
N ILE A 173 -7.82 5.69 -12.42
CA ILE A 173 -7.25 6.34 -13.59
C ILE A 173 -5.95 5.67 -14.02
N PHE A 174 -5.91 5.26 -15.28
CA PHE A 174 -4.76 4.50 -15.77
C PHE A 174 -4.63 4.64 -17.29
N ARG A 175 -3.41 4.41 -17.78
CA ARG A 175 -3.15 4.50 -19.21
C ARG A 175 -2.66 3.17 -19.78
N MET A 176 -3.11 2.87 -21.00
CA MET A 176 -2.67 1.67 -21.73
C MET A 176 -1.54 2.04 -22.70
N LYS A 177 -0.60 1.11 -22.87
CA LYS A 177 0.43 1.24 -23.89
C LYS A 177 -0.21 1.59 -25.22
N GLY A 178 0.27 2.65 -25.86
CA GLY A 178 -0.22 3.01 -27.18
C GLY A 178 -1.32 4.05 -27.14
N ASP A 179 -1.78 4.40 -25.94
CA ASP A 179 -2.73 5.49 -25.77
C ASP A 179 -1.99 6.72 -25.29
N GLU A 180 -2.37 7.89 -25.79
CA GLU A 180 -1.77 9.14 -25.37
C GLU A 180 -2.28 9.57 -23.99
N GLN A 181 -3.57 9.37 -23.74
CA GLN A 181 -4.19 9.78 -22.46
C GLN A 181 -4.66 8.60 -21.63
N PRO A 182 -4.67 8.77 -20.30
CA PRO A 182 -5.27 7.71 -19.46
C PRO A 182 -6.80 7.76 -19.59
N VAL A 183 -7.47 6.70 -19.17
CA VAL A 183 -8.94 6.72 -19.08
C VAL A 183 -9.27 6.78 -17.60
N TRP A 184 -10.50 7.18 -17.28
CA TRP A 184 -10.92 7.12 -15.88
C TRP A 184 -12.30 6.47 -15.73
N TYR A 185 -12.49 5.79 -14.60
CA TYR A 185 -13.75 5.15 -14.27
C TYR A 185 -14.15 5.44 -12.84
N GLU A 186 -15.39 5.86 -12.65
CA GLU A 186 -15.91 6.12 -11.31
C GLU A 186 -16.00 4.79 -10.52
N LEU A 187 -15.65 4.82 -9.23
CA LEU A 187 -15.74 3.62 -8.41
C LEU A 187 -17.20 3.34 -8.04
N PRO A 188 -17.67 2.10 -8.27
CA PRO A 188 -19.01 1.75 -7.77
C PRO A 188 -19.01 1.85 -6.25
N ARG A 189 -19.93 2.63 -5.67
CA ARG A 189 -19.95 2.83 -4.22
C ARG A 189 -20.21 1.53 -3.46
N SER A 190 -20.92 0.58 -4.08
CA SER A 190 -21.21 -0.70 -3.44
C SER A 190 -19.94 -1.49 -3.15
N LEU A 191 -18.84 -1.15 -3.82
CA LEU A 191 -17.56 -1.83 -3.64
C LEU A 191 -16.71 -1.23 -2.53
N VAL A 192 -17.03 0.01 -2.15
CA VAL A 192 -16.17 0.77 -1.26
C VAL A 192 -16.72 0.83 0.15
N ILE A 193 -16.08 0.12 1.09
CA ILE A 193 -16.49 0.21 2.48
C ILE A 193 -15.83 1.44 3.12
N GLU A 194 -16.63 2.22 3.84
CA GLU A 194 -16.13 3.37 4.58
C GLU A 194 -16.58 3.21 6.01
N VAL A 195 -15.85 3.84 6.93
CA VAL A 195 -16.14 3.72 8.35
C VAL A 195 -16.32 5.10 8.97
N PRO A 196 -17.50 5.38 9.53
CA PRO A 196 -17.68 6.65 10.24
C PRO A 196 -16.91 6.64 11.55
N ILE A 197 -16.24 7.74 11.90
CA ILE A 197 -15.43 7.75 13.11
C ILE A 197 -16.26 8.23 14.29
N THR A 198 -16.49 7.33 15.25
CA THR A 198 -17.11 7.68 16.53
C THR A 198 -16.17 7.29 17.67
N HIS A 199 -16.48 7.76 18.87
CA HIS A 199 -15.61 7.50 20.03
C HIS A 199 -16.39 6.64 21.01
N PRO A 200 -15.69 5.72 21.71
CA PRO A 200 -16.41 4.81 22.63
C PRO A 200 -17.15 5.50 23.78
N ASP A 201 -16.65 6.64 24.29
CA ASP A 201 -17.23 7.27 25.48
C ASP A 201 -17.77 8.68 25.23
N ILE A 202 -17.23 9.33 24.21
CA ILE A 202 -17.51 10.75 23.97
C ILE A 202 -18.48 10.90 22.80
N GLU A 203 -19.75 11.15 23.12
CA GLU A 203 -20.81 11.17 22.12
C GLU A 203 -20.62 12.27 21.10
N ALA A 204 -20.02 13.38 21.51
CA ALA A 204 -19.86 14.54 20.65
C ALA A 204 -18.90 14.30 19.47
N PHE A 205 -18.09 13.24 19.57
CA PHE A 205 -17.05 13.00 18.58
C PHE A 205 -17.66 12.87 17.16
N SER A 206 -18.89 12.39 17.08
CA SER A 206 -19.56 12.27 15.79
C SER A 206 -19.86 13.63 15.13
N ASP A 207 -19.80 14.71 15.92
CA ASP A 207 -20.06 16.05 15.39
C ASP A 207 -18.97 16.46 14.40
N LEU A 208 -17.80 15.82 14.49
CA LEU A 208 -16.72 16.10 13.56
C LEU A 208 -17.01 15.55 12.16
N GLU A 209 -17.99 14.64 12.07
CA GLU A 209 -18.36 13.99 10.81
C GLU A 209 -17.15 13.45 10.04
N LEU A 210 -16.24 12.77 10.75
CA LEU A 210 -15.07 12.16 10.12
C LEU A 210 -15.44 10.76 9.63
N LYS A 211 -14.76 10.33 8.57
CA LYS A 211 -14.83 8.94 8.13
C LYS A 211 -13.53 8.60 7.42
N TRP A 212 -13.30 7.33 7.16
CA TRP A 212 -12.16 6.92 6.36
C TRP A 212 -12.54 5.66 5.61
N TYR A 213 -11.78 5.32 4.57
CA TYR A 213 -12.11 4.15 3.77
C TYR A 213 -11.49 2.90 4.41
N GLY A 214 -12.07 1.74 4.11
CA GLY A 214 -11.69 0.52 4.82
C GLY A 214 -10.34 -0.06 4.43
N VAL A 215 -10.01 -0.02 3.14
CA VAL A 215 -8.88 -0.80 2.61
C VAL A 215 -7.88 0.07 1.86
N PRO A 216 -6.63 0.17 2.38
CA PRO A 216 -5.57 0.92 1.69
C PRO A 216 -4.89 0.06 0.63
N ILE A 217 -4.99 0.45 -0.64
CA ILE A 217 -4.51 -0.41 -1.74
C ILE A 217 -3.50 0.35 -2.58
N ILE A 218 -2.21 0.20 -2.24
CA ILE A 218 -1.13 0.96 -2.87
C ILE A 218 -0.99 0.52 -4.32
N SER A 219 -1.13 1.47 -5.24
CA SER A 219 -1.21 1.13 -6.65
C SER A 219 -0.17 1.83 -7.49
N ASP A 220 0.83 2.44 -6.88
CA ASP A 220 1.80 3.19 -7.68
C ASP A 220 3.24 2.74 -7.48
N MET A 221 3.42 1.56 -6.88
CA MET A 221 4.77 1.04 -6.68
C MET A 221 5.11 -0.06 -7.68
N LYS A 222 6.40 -0.20 -7.96
CA LYS A 222 6.88 -1.25 -8.85
C LYS A 222 7.33 -2.48 -8.08
N LEU A 223 6.78 -3.65 -8.44
CA LEU A 223 7.28 -4.94 -7.94
C LEU A 223 8.39 -5.43 -8.86
N GLU A 224 9.57 -5.67 -8.29
CA GLU A 224 10.67 -6.22 -9.08
C GLU A 224 10.99 -7.63 -8.60
N VAL A 225 10.97 -8.58 -9.53
CA VAL A 225 11.20 -9.99 -9.22
C VAL A 225 12.12 -10.59 -10.26
N GLY A 226 13.34 -10.96 -9.86
CA GLY A 226 14.28 -11.60 -10.76
C GLY A 226 14.56 -10.83 -12.03
N GLY A 227 14.66 -9.50 -11.90
CA GLY A 227 14.98 -8.66 -13.05
C GLY A 227 13.78 -8.24 -13.87
N ILE A 228 12.60 -8.78 -13.53
CA ILE A 228 11.38 -8.42 -14.25
C ILE A 228 10.69 -7.29 -13.50
N HIS A 229 10.30 -6.24 -14.23
CA HIS A 229 9.73 -5.03 -13.60
C HIS A 229 8.22 -4.94 -13.76
N TYR A 230 7.49 -5.32 -12.70
CA TYR A 230 6.03 -5.22 -12.70
C TYR A 230 5.63 -3.85 -12.15
N ASN A 231 5.57 -2.85 -13.02
CA ASN A 231 5.28 -1.48 -12.58
C ASN A 231 3.83 -1.32 -12.14
N ALA A 232 2.97 -2.22 -12.64
CA ALA A 232 1.55 -2.19 -12.25
C ALA A 232 1.21 -3.45 -11.46
N ALA A 233 1.12 -3.32 -10.15
CA ALA A 233 0.89 -4.47 -9.27
C ALA A 233 0.35 -4.02 -7.93
N PRO A 234 -0.91 -3.55 -7.92
CA PRO A 234 -1.44 -2.97 -6.68
C PRO A 234 -1.57 -4.02 -5.58
N PHE A 235 -1.31 -3.61 -4.34
CA PHE A 235 -1.36 -4.53 -3.21
C PHE A 235 -1.99 -3.86 -1.99
N ASN A 236 -2.46 -4.68 -1.05
CA ASN A 236 -3.08 -4.15 0.15
C ASN A 236 -2.89 -5.08 1.33
N GLY A 237 -2.84 -4.51 2.53
CA GLY A 237 -3.06 -5.25 3.76
C GLY A 237 -4.28 -4.62 4.40
N TRP A 238 -4.28 -4.57 5.73
CA TRP A 238 -5.26 -3.79 6.48
C TRP A 238 -4.52 -2.67 7.18
N TYR A 239 -5.25 -1.64 7.62
CA TYR A 239 -4.63 -0.49 8.27
C TYR A 239 -4.09 -0.79 9.67
N MET A 240 -2.98 -0.16 10.01
CA MET A 240 -2.61 0.02 11.42
C MET A 240 -3.27 1.35 11.81
N GLY A 241 -3.91 1.41 12.97
CA GLY A 241 -4.75 2.56 13.29
C GLY A 241 -4.07 3.93 13.22
N THR A 242 -2.80 3.97 13.61
CA THR A 242 -2.04 5.24 13.61
C THR A 242 -1.93 5.86 12.22
N GLU A 243 -2.01 5.04 11.18
CA GLU A 243 -1.92 5.58 9.82
C GLU A 243 -3.05 6.56 9.58
N ILE A 244 -4.22 6.23 10.14
CA ILE A 244 -5.40 7.04 9.97
C ILE A 244 -5.44 8.14 11.03
N GLY A 245 -5.34 7.74 12.30
CA GLY A 245 -5.52 8.69 13.39
C GLY A 245 -4.36 9.63 13.70
N ALA A 246 -3.13 9.22 13.39
CA ALA A 246 -1.97 10.02 13.76
C ALA A 246 -1.39 10.77 12.57
N ARG A 247 -1.84 10.40 11.37
CA ARG A 247 -1.28 10.96 10.14
C ARG A 247 -2.33 11.48 9.16
N ASN A 248 -3.13 10.58 8.58
CA ASN A 248 -4.11 10.99 7.58
C ASN A 248 -5.07 12.06 8.09
N LEU A 249 -5.56 11.88 9.32
CA LEU A 249 -6.51 12.84 9.87
C LEU A 249 -5.84 13.94 10.71
N ALA A 250 -4.58 13.73 11.08
CA ALA A 250 -3.87 14.65 12.02
C ALA A 250 -2.83 15.59 11.43
N ASP A 251 -2.12 15.16 10.39
CA ASP A 251 -1.03 15.98 9.84
C ASP A 251 -1.59 17.33 9.41
N GLU A 252 -0.83 18.40 9.64
CA GLU A 252 -1.27 19.73 9.21
C GLU A 252 -1.45 19.81 7.71
N LYS A 253 -0.69 18.99 6.96
CA LYS A 253 -0.81 19.00 5.50
C LYS A 253 -1.74 17.91 5.00
N ARG A 254 -2.43 17.23 5.92
CA ARG A 254 -3.51 16.34 5.53
C ARG A 254 -4.81 16.93 6.04
N TYR A 255 -5.63 16.15 6.76
CA TYR A 255 -6.92 16.68 7.20
C TYR A 255 -6.86 17.64 8.39
N ASP A 256 -5.74 17.62 9.13
CA ASP A 256 -5.45 18.67 10.12
C ASP A 256 -6.55 18.83 11.19
N LYS A 257 -6.98 17.73 11.80
CA LYS A 257 -8.15 17.75 12.68
C LYS A 257 -7.89 17.92 14.19
N LEU A 258 -6.63 18.10 14.60
CA LEU A 258 -6.36 18.05 16.05
C LEU A 258 -7.07 19.16 16.87
N LYS A 259 -7.11 20.39 16.34
CA LYS A 259 -7.80 21.47 17.06
C LYS A 259 -9.29 21.17 17.23
N LYS A 260 -9.93 20.66 16.18
CA LYS A 260 -11.33 20.26 16.26
C LYS A 260 -11.53 19.08 17.21
N VAL A 261 -10.60 18.14 17.20
CA VAL A 261 -10.66 17.02 18.16
C VAL A 261 -10.57 17.55 19.59
N ALA A 262 -9.61 18.43 19.87
CA ALA A 262 -9.47 19.00 21.20
C ALA A 262 -10.78 19.62 21.67
N SER A 263 -11.42 20.38 20.79
CA SER A 263 -12.67 21.02 21.15
C SER A 263 -13.80 20.04 21.48
N VAL A 264 -13.98 18.98 20.68
CA VAL A 264 -15.06 18.02 21.00
C VAL A 264 -14.79 17.13 22.22
N ILE A 265 -13.52 16.96 22.59
CA ILE A 265 -13.24 16.18 23.78
C ILE A 265 -13.15 17.08 25.02
N GLY A 266 -13.39 18.37 24.80
CA GLY A 266 -13.55 19.31 25.90
C GLY A 266 -12.27 19.79 26.56
N ILE A 267 -11.16 19.81 25.84
CA ILE A 267 -9.93 20.37 26.40
C ILE A 267 -9.48 21.62 25.66
N ALA A 268 -8.79 22.51 26.37
CA ALA A 268 -8.24 23.74 25.79
C ALA A 268 -7.10 23.40 24.83
N ALA A 269 -6.98 24.16 23.74
CA ALA A 269 -5.90 23.95 22.78
C ALA A 269 -5.06 25.21 22.74
N ASP A 270 -4.66 25.67 23.92
CA ASP A 270 -4.05 26.99 24.06
C ASP A 270 -2.56 26.96 24.45
N TYR A 271 -2.14 25.93 25.21
CA TYR A 271 -0.77 25.92 25.77
C TYR A 271 -0.04 24.63 25.41
N ASN A 272 1.20 24.75 24.90
CA ASN A 272 1.97 23.55 24.56
C ASN A 272 2.11 22.64 25.78
N THR A 273 2.31 23.24 26.95
CA THR A 273 2.56 22.47 28.18
C THR A 273 1.36 21.65 28.66
N ASP A 274 0.16 21.91 28.11
CA ASP A 274 -1.01 21.11 28.46
C ASP A 274 -1.03 19.79 27.69
N LEU A 275 -0.11 19.67 26.73
CA LEU A 275 -0.02 18.51 25.86
C LEU A 275 -1.37 18.17 25.20
N TRP A 276 -2.07 19.21 24.74
CA TRP A 276 -3.38 19.00 24.14
C TRP A 276 -3.29 18.27 22.80
N LYS A 277 -2.23 18.51 22.04
CA LYS A 277 -2.09 17.76 20.80
C LYS A 277 -1.91 16.27 21.07
N ASP A 278 -1.12 15.96 22.08
CA ASP A 278 -0.87 14.56 22.42
C ASP A 278 -2.15 13.86 22.87
N GLN A 279 -2.92 14.54 23.71
CA GLN A 279 -4.16 14.01 24.25
C GLN A 279 -5.20 13.85 23.15
N ALA A 280 -5.31 14.86 22.27
CA ALA A 280 -6.18 14.76 21.11
C ALA A 280 -5.79 13.59 20.21
N LEU A 281 -4.49 13.42 19.98
CA LEU A 281 -4.01 12.29 19.17
C LEU A 281 -4.44 10.94 19.75
N VAL A 282 -4.32 10.79 21.07
CA VAL A 282 -4.69 9.53 21.71
C VAL A 282 -6.18 9.26 21.55
N GLU A 283 -7.02 10.27 21.81
CA GLU A 283 -8.46 10.06 21.70
C GLU A 283 -8.89 9.80 20.27
N LEU A 284 -8.31 10.53 19.31
CA LEU A 284 -8.63 10.29 17.90
C LEU A 284 -8.21 8.88 17.47
N ASN A 285 -7.08 8.43 17.98
CA ASN A 285 -6.62 7.08 17.64
C ASN A 285 -7.42 5.97 18.31
N LYS A 286 -7.93 6.23 19.51
CA LYS A 286 -8.84 5.29 20.17
C LYS A 286 -10.13 5.22 19.35
N ALA A 287 -10.60 6.38 18.88
CA ALA A 287 -11.85 6.45 18.12
C ALA A 287 -11.75 5.67 16.81
N VAL A 288 -10.62 5.84 16.11
CA VAL A 288 -10.41 5.09 14.86
C VAL A 288 -10.44 3.58 15.10
N LEU A 289 -9.72 3.10 16.12
CA LEU A 289 -9.71 1.64 16.37
C LEU A 289 -11.11 1.12 16.71
N HIS A 290 -11.79 1.84 17.59
CA HIS A 290 -13.13 1.48 18.02
C HIS A 290 -14.13 1.42 16.86
N SER A 291 -14.04 2.41 15.97
CA SER A 291 -15.00 2.50 14.86
C SER A 291 -14.82 1.37 13.84
N TYR A 292 -13.58 1.08 13.49
CA TYR A 292 -13.32 -0.04 12.57
C TYR A 292 -13.79 -1.35 13.17
N LYS A 293 -13.45 -1.60 14.44
CA LYS A 293 -13.89 -2.81 15.13
C LYS A 293 -15.42 -2.90 15.18
N LYS A 294 -16.07 -1.79 15.54
CA LYS A 294 -17.53 -1.76 15.62
C LYS A 294 -18.19 -2.13 14.29
N GLN A 295 -17.57 -1.74 13.18
CA GLN A 295 -18.13 -2.03 11.86
C GLN A 295 -17.68 -3.38 11.28
N GLY A 296 -16.78 -4.07 11.96
CA GLY A 296 -16.34 -5.36 11.46
C GLY A 296 -15.41 -5.22 10.26
N VAL A 297 -14.60 -4.16 10.27
CA VAL A 297 -13.56 -3.99 9.27
C VAL A 297 -12.20 -4.20 9.94
N SER A 298 -11.35 -5.03 9.33
CA SER A 298 -10.03 -5.33 9.90
C SER A 298 -9.16 -4.09 10.14
N ILE A 299 -8.46 -4.08 11.27
CA ILE A 299 -7.52 -3.03 11.62
C ILE A 299 -6.61 -3.60 12.71
N VAL A 300 -5.43 -3.02 12.89
CA VAL A 300 -4.55 -3.48 13.98
C VAL A 300 -4.05 -2.23 14.71
N ASP A 301 -3.88 -2.32 16.03
CA ASP A 301 -3.31 -1.21 16.78
C ASP A 301 -1.80 -1.34 16.73
N HIS A 302 -1.07 -0.27 17.07
CA HIS A 302 0.38 -0.28 16.91
C HIS A 302 1.09 -1.16 17.93
N HIS A 303 0.48 -1.37 19.08
CA HIS A 303 1.08 -2.28 20.05
C HIS A 303 1.05 -3.73 19.58
N THR A 304 -0.12 -4.16 19.13
CA THR A 304 -0.27 -5.51 18.60
C THR A 304 0.60 -5.70 17.38
N ALA A 305 0.61 -4.70 16.50
CA ALA A 305 1.44 -4.76 15.29
C ALA A 305 2.93 -4.92 15.60
N ALA A 306 3.43 -4.18 16.59
CA ALA A 306 4.84 -4.31 16.97
C ALA A 306 5.13 -5.68 17.55
N SER A 307 4.17 -6.24 18.28
CA SER A 307 4.35 -7.58 18.86
C SER A 307 4.43 -8.62 17.77
N GLN A 308 3.60 -8.46 16.75
CA GLN A 308 3.66 -9.32 15.57
C GLN A 308 5.01 -9.14 14.86
N PHE A 309 5.48 -7.90 14.75
CA PHE A 309 6.77 -7.67 14.10
C PHE A 309 7.92 -8.32 14.86
N LYS A 310 7.83 -8.32 16.20
CA LYS A 310 8.81 -9.05 17.01
C LYS A 310 8.82 -10.52 16.61
N ARG A 311 7.64 -11.10 16.41
CA ARG A 311 7.58 -12.50 15.97
C ARG A 311 8.19 -12.67 14.57
N PHE A 312 8.02 -11.67 13.71
CA PHE A 312 8.66 -11.70 12.39
C PHE A 312 10.19 -11.72 12.52
N GLU A 313 10.72 -10.92 13.44
CA GLU A 313 12.16 -10.93 13.70
C GLU A 313 12.62 -12.30 14.19
N GLU A 314 11.86 -12.90 15.11
CA GLU A 314 12.23 -14.20 15.66
C GLU A 314 12.19 -15.27 14.58
N GLN A 315 11.18 -15.19 13.71
CA GLN A 315 11.01 -16.14 12.62
C GLN A 315 12.16 -16.06 11.61
N ALA A 316 12.58 -14.84 11.29
CA ALA A 316 13.69 -14.64 10.35
C ALA A 316 14.96 -15.29 10.86
N GLU A 317 15.32 -15.00 12.11
CA GLU A 317 16.51 -15.59 12.71
C GLU A 317 16.43 -17.11 12.74
N GLU A 318 15.28 -17.64 13.14
CA GLU A 318 15.09 -19.08 13.26
C GLU A 318 15.18 -19.77 11.88
N ALA A 319 14.81 -19.04 10.82
CA ALA A 319 14.91 -19.55 9.46
C ALA A 319 16.29 -19.28 8.83
N GLY A 320 17.14 -18.58 9.56
CA GLY A 320 18.47 -18.28 9.07
C GLY A 320 18.56 -17.14 8.05
N ARG A 321 17.50 -16.33 7.94
CA ARG A 321 17.52 -15.17 7.05
C ARG A 321 17.93 -13.91 7.78
N LYS A 322 18.74 -13.08 7.12
CA LYS A 322 19.04 -11.76 7.65
C LYS A 322 17.78 -10.92 7.69
N LEU A 323 17.65 -10.09 8.72
CA LEU A 323 16.53 -9.16 8.82
C LEU A 323 16.95 -7.79 8.33
N THR A 324 16.13 -7.16 7.51
CA THR A 324 16.37 -5.76 7.16
C THR A 324 15.17 -4.91 7.56
N GLY A 325 15.43 -3.64 7.87
CA GLY A 325 14.36 -2.77 8.28
C GLY A 325 14.77 -1.31 8.32
N ASP A 326 13.78 -0.43 8.16
CA ASP A 326 13.96 1.01 8.27
C ASP A 326 13.35 1.51 9.57
N TRP A 327 14.20 1.70 10.58
CA TRP A 327 13.78 2.12 11.92
C TRP A 327 12.87 3.34 11.86
N THR A 328 13.20 4.29 10.98
CA THR A 328 12.45 5.56 10.93
C THR A 328 11.01 5.38 10.46
N TRP A 329 10.73 4.30 9.72
CA TRP A 329 9.37 4.01 9.30
C TRP A 329 8.68 2.94 10.16
N LEU A 330 9.47 2.07 10.80
CA LEU A 330 8.90 1.00 11.61
C LEU A 330 8.33 1.51 12.94
N ILE A 331 8.98 2.52 13.55
CA ILE A 331 8.44 3.05 14.80
C ILE A 331 7.09 3.71 14.53
N PRO A 332 6.10 3.43 15.38
CA PRO A 332 4.81 4.10 15.15
C PRO A 332 4.88 5.57 15.56
N PRO A 333 4.01 6.42 14.97
CA PRO A 333 4.06 7.85 15.24
C PRO A 333 3.42 8.25 16.57
N ILE A 334 2.84 7.31 17.31
CA ILE A 334 2.50 7.62 18.70
C ILE A 334 3.02 6.57 19.68
N SER A 335 3.46 7.04 20.85
CA SER A 335 4.17 6.19 21.83
C SER A 335 5.19 5.21 21.24
N PRO A 336 6.10 5.69 20.36
CA PRO A 336 7.04 4.73 19.77
C PRO A 336 7.93 4.03 20.81
N ALA A 337 8.30 4.73 21.88
CA ALA A 337 9.18 4.16 22.90
C ALA A 337 8.49 3.07 23.73
N ALA A 338 7.19 2.92 23.52
CA ALA A 338 6.43 1.85 24.18
C ALA A 338 6.47 0.55 23.38
N THR A 339 7.12 0.57 22.21
CA THR A 339 7.30 -0.64 21.40
C THR A 339 8.76 -1.06 21.45
N HIS A 340 9.04 -2.35 21.22
CA HIS A 340 10.42 -2.85 21.27
C HIS A 340 11.26 -2.30 20.13
N ILE A 341 10.59 -1.97 19.02
CA ILE A 341 11.24 -1.45 17.81
C ILE A 341 12.13 -0.25 18.13
N PHE A 342 11.61 0.67 18.94
CA PHE A 342 12.32 1.90 19.28
C PHE A 342 13.68 1.62 19.92
N HIS A 343 13.77 0.52 20.66
CA HIS A 343 14.95 0.23 21.48
C HIS A 343 15.98 -0.70 20.83
N ARG A 344 15.84 -0.99 19.54
CA ARG A 344 16.89 -1.71 18.83
C ARG A 344 17.15 -1.05 17.48
N SER A 345 18.12 -1.56 16.73
CA SER A 345 18.43 -0.98 15.44
C SER A 345 18.22 -2.00 14.31
N TYR A 346 18.16 -1.51 13.08
CA TYR A 346 17.88 -2.37 11.94
C TYR A 346 18.78 -2.02 10.76
N ASP A 347 19.29 -3.06 10.10
CA ASP A 347 20.05 -2.92 8.87
C ASP A 347 19.12 -2.52 7.72
N ASN A 348 19.28 -1.30 7.19
CA ASN A 348 18.39 -0.80 6.13
C ASN A 348 18.82 -1.18 4.70
N SER A 349 19.52 -2.29 4.54
CA SER A 349 19.96 -2.72 3.21
C SER A 349 18.79 -3.15 2.33
N ILE A 350 18.90 -2.91 1.02
CA ILE A 350 17.85 -3.29 0.07
C ILE A 350 18.11 -4.71 -0.45
N VAL A 351 17.16 -5.61 -0.23
CA VAL A 351 17.21 -6.97 -0.78
C VAL A 351 16.07 -7.11 -1.79
N LYS A 352 16.32 -7.82 -2.89
CA LYS A 352 15.29 -8.10 -3.89
C LYS A 352 14.89 -9.57 -3.82
N PRO A 353 13.65 -9.91 -4.25
CA PRO A 353 12.55 -9.08 -4.78
C PRO A 353 12.08 -8.01 -3.80
N ASN A 354 11.48 -6.93 -4.31
CA ASN A 354 11.04 -5.84 -3.44
C ASN A 354 10.07 -4.93 -4.17
N TYR A 355 9.45 -4.01 -3.42
CA TYR A 355 8.60 -2.97 -3.99
C TYR A 355 9.35 -1.64 -3.99
N PHE A 356 9.28 -0.92 -5.11
CA PHE A 356 10.04 0.34 -5.26
C PHE A 356 9.17 1.50 -5.72
N TYR A 357 9.58 2.71 -5.34
CA TYR A 357 8.99 3.94 -5.87
C TYR A 357 9.26 4.04 -7.36
N GLN A 358 8.36 4.69 -8.09
CA GLN A 358 8.61 5.03 -9.49
C GLN A 358 8.06 6.43 -9.74
N ASP A 359 8.58 7.10 -10.76
CA ASP A 359 8.16 8.46 -11.07
C ASP A 359 6.66 8.52 -11.42
N LYS A 360 5.99 9.57 -10.94
CA LYS A 360 4.59 9.78 -11.27
C LYS A 360 4.46 10.18 -12.74
N PRO A 361 3.35 9.81 -13.40
CA PRO A 361 3.11 10.24 -14.78
C PRO A 361 2.44 11.62 -14.88
N TYR A 362 1.79 12.07 -13.80
CA TYR A 362 1.34 13.45 -13.68
C TYR A 362 2.42 14.16 -12.85
N GLU A 363 2.20 15.41 -12.47
CA GLU A 363 3.26 16.23 -11.84
C GLU A 363 4.44 16.44 -12.79
#